data_4CJ2
#
_entry.id   4CJ2
#
_cell.length_a   37.889
_cell.length_b   62.813
_cell.length_c   87.099
_cell.angle_alpha   90.00
_cell.angle_beta   98.75
_cell.angle_gamma   90.00
#
_symmetry.space_group_name_H-M   'P 1 21 1'
#
loop_
_entity.id
_entity.type
_entity.pdbx_description
1 polymer 'LYSOZYME C'
2 polymer 'AFFITIN H4'
3 non-polymer GLYCEROL
4 water water
#
loop_
_entity_poly.entity_id
_entity_poly.type
_entity_poly.pdbx_seq_one_letter_code
_entity_poly.pdbx_strand_id
1 'polypeptide(L)'
;MRSLLILVLCFLPLAALGKVFGRCELAAAMKRHGLDNYRGYSLGNWVCAAKFESNFNTQATNRNTDGSTDYGILQINSRW
WCNDGRTPGSRNLCNIPCSALLSSDITASVNCAKKIVSDGNGMNAWVAWRNRCKGTDVQAWIRGCRL
;
A,B
2 'polypeptide(L)' MRGSHHHHHHGSVKVKFFWNGEEKEVDTSKIVWVKRAGKSVLFIYDDNGKNGYGDVTEKDAPKELLDMLARAEREKKL C,D
#
# COMPACT_ATOMS: atom_id res chain seq x y z
N LYS A 19 -7.78 -9.91 -3.56
CA LYS A 19 -8.05 -11.08 -4.37
C LYS A 19 -7.02 -11.21 -5.50
N VAL A 20 -6.55 -12.41 -5.68
CA VAL A 20 -5.71 -12.71 -6.84
C VAL A 20 -6.62 -13.41 -7.85
N PHE A 21 -6.87 -12.69 -8.91
CA PHE A 21 -7.69 -13.26 -10.03
C PHE A 21 -6.93 -14.30 -10.81
N GLY A 22 -7.63 -15.30 -11.34
CA GLY A 22 -7.16 -16.09 -12.45
C GLY A 22 -7.27 -15.27 -13.74
N ARG A 23 -6.43 -15.61 -14.72
CA ARG A 23 -6.43 -14.94 -15.99
C ARG A 23 -7.84 -14.87 -16.64
N CYS A 24 -8.43 -16.04 -16.86
CA CYS A 24 -9.73 -16.03 -17.52
C CYS A 24 -10.84 -15.46 -16.67
N GLU A 25 -10.70 -15.65 -15.36
CA GLU A 25 -11.61 -15.05 -14.40
C GLU A 25 -11.62 -13.54 -14.56
N LEU A 26 -10.41 -12.93 -14.63
CA LEU A 26 -10.35 -11.51 -14.82
C LEU A 26 -10.86 -11.05 -16.17
N ALA A 27 -10.52 -11.82 -17.19
CA ALA A 27 -11.00 -11.47 -18.52
C ALA A 27 -12.52 -11.39 -18.52
N ALA A 28 -13.16 -12.37 -17.89
CA ALA A 28 -14.63 -12.36 -17.85
C ALA A 28 -15.16 -11.18 -17.09
N ALA A 29 -14.57 -10.86 -15.91
CA ALA A 29 -15.02 -9.72 -15.13
C ALA A 29 -14.83 -8.42 -15.92
N MET A 30 -13.66 -8.26 -16.52
CA MET A 30 -13.39 -7.07 -17.30
C MET A 30 -14.38 -6.91 -18.47
N LYS A 31 -14.77 -8.02 -19.10
CA LYS A 31 -15.72 -7.97 -20.25
C LYS A 31 -17.05 -7.51 -19.67
N ARG A 32 -17.48 -8.08 -18.55
CA ARG A 32 -18.76 -7.62 -17.96
C ARG A 32 -18.81 -6.14 -17.56
N HIS A 33 -17.62 -5.64 -17.18
CA HIS A 33 -17.46 -4.26 -16.89
C HIS A 33 -17.23 -3.33 -18.08
N GLY A 34 -17.34 -3.86 -19.32
CA GLY A 34 -17.36 -3.03 -20.48
C GLY A 34 -16.03 -2.59 -21.02
N LEU A 35 -14.97 -3.32 -20.68
CA LEU A 35 -13.64 -2.95 -21.20
C LEU A 35 -13.30 -3.46 -22.57
N ASP A 36 -14.02 -4.46 -23.09
CA ASP A 36 -13.70 -4.96 -24.41
C ASP A 36 -14.01 -3.92 -25.49
N ASN A 37 -12.94 -3.46 -26.18
CA ASN A 37 -13.00 -2.41 -27.18
C ASN A 37 -13.30 -1.04 -26.57
N TYR A 38 -13.06 -0.84 -25.28
CA TYR A 38 -13.30 0.45 -24.71
C TYR A 38 -12.21 1.39 -25.25
N ARG A 39 -12.68 2.47 -25.87
CA ARG A 39 -11.78 3.40 -26.58
C ARG A 39 -10.87 2.69 -27.54
N GLY A 40 -11.40 1.62 -28.14
CA GLY A 40 -10.69 0.86 -29.20
C GLY A 40 -9.73 -0.20 -28.68
N TYR A 41 -9.60 -0.33 -27.35
CA TYR A 41 -8.67 -1.30 -26.80
C TYR A 41 -9.33 -2.64 -26.51
N SER A 42 -9.04 -3.66 -27.31
CA SER A 42 -9.57 -5.00 -27.13
C SER A 42 -9.21 -5.56 -25.77
N LEU A 43 -10.06 -6.45 -25.30
CA LEU A 43 -9.99 -6.97 -23.94
C LEU A 43 -8.62 -7.43 -23.53
N GLY A 44 -7.90 -8.11 -24.40
CA GLY A 44 -6.60 -8.62 -24.06
C GLY A 44 -5.62 -7.56 -23.58
N ASN A 45 -5.75 -6.33 -24.09
CA ASN A 45 -4.90 -5.22 -23.61
C ASN A 45 -4.99 -5.03 -22.14
N TRP A 46 -6.22 -5.10 -21.62
CA TRP A 46 -6.51 -4.84 -20.23
C TRP A 46 -6.03 -5.96 -19.33
N VAL A 47 -6.20 -7.20 -19.78
CA VAL A 47 -5.79 -8.39 -19.08
C VAL A 47 -4.25 -8.43 -19.01
N CYS A 48 -3.58 -8.17 -20.13
CA CYS A 48 -2.15 -8.13 -20.23
C CYS A 48 -1.61 -7.03 -19.28
N ALA A 49 -2.19 -5.84 -19.32
CA ALA A 49 -1.76 -4.76 -18.44
C ALA A 49 -1.86 -5.13 -16.97
N ALA A 50 -2.95 -5.77 -16.57
CA ALA A 50 -3.13 -6.18 -15.23
C ALA A 50 -2.09 -7.22 -14.84
N LYS A 51 -1.81 -8.16 -15.70
CA LYS A 51 -0.82 -9.22 -15.43
C LYS A 51 0.52 -8.57 -15.04
N PHE A 52 0.97 -7.65 -15.86
CA PHE A 52 2.32 -7.09 -15.68
C PHE A 52 2.38 -5.97 -14.66
N GLU A 53 1.27 -5.35 -14.35
CA GLU A 53 1.20 -4.31 -13.29
C GLU A 53 1.17 -4.96 -11.91
N SER A 54 0.29 -5.98 -11.70
CA SER A 54 -0.01 -6.44 -10.37
C SER A 54 0.02 -7.95 -10.20
N ASN A 55 0.28 -8.70 -11.29
CA ASN A 55 0.17 -10.13 -11.23
C ASN A 55 -1.25 -10.59 -10.83
N PHE A 56 -2.22 -9.78 -11.27
CA PHE A 56 -3.65 -10.03 -11.06
C PHE A 56 -4.11 -9.92 -9.60
N ASN A 57 -3.31 -9.26 -8.74
CA ASN A 57 -3.62 -9.11 -7.32
C ASN A 57 -4.22 -7.71 -7.05
N THR A 58 -5.50 -7.68 -6.69
CA THR A 58 -6.15 -6.43 -6.43
C THR A 58 -5.57 -5.65 -5.22
N GLN A 59 -4.85 -6.35 -4.37
CA GLN A 59 -4.34 -5.69 -3.14
C GLN A 59 -2.90 -5.12 -3.34
N ALA A 60 -2.33 -5.19 -4.51
CA ALA A 60 -0.98 -4.73 -4.72
C ALA A 60 -0.87 -3.22 -4.51
N THR A 61 0.19 -2.82 -3.79
CA THR A 61 0.54 -1.42 -3.62
C THR A 61 2.07 -1.29 -3.85
N ASN A 62 2.45 -0.16 -4.42
CA ASN A 62 3.87 0.11 -4.63
C ASN A 62 4.11 1.61 -4.59
N ARG A 63 5.03 2.01 -3.67
CA ARG A 63 5.43 3.40 -3.54
C ARG A 63 6.36 3.85 -4.67
N ASN A 64 6.08 5.04 -5.20
CA ASN A 64 6.98 5.77 -6.13
C ASN A 64 7.93 6.61 -5.34
N THR A 65 9.15 6.74 -5.85
CA THR A 65 10.10 7.62 -5.17
C THR A 65 9.67 9.05 -5.00
N ASP A 66 8.68 9.50 -5.76
CA ASP A 66 8.14 10.85 -5.67
C ASP A 66 7.15 11.08 -4.57
N GLY A 67 6.86 10.04 -3.79
CA GLY A 67 5.91 10.20 -2.69
C GLY A 67 4.53 9.66 -2.95
N SER A 68 4.21 9.48 -4.22
CA SER A 68 2.91 8.88 -4.60
C SER A 68 3.00 7.37 -4.43
N THR A 69 1.84 6.72 -4.51
CA THR A 69 1.74 5.24 -4.41
C THR A 69 0.81 4.78 -5.55
N ASP A 70 1.07 3.60 -6.06
CA ASP A 70 0.23 2.92 -7.05
C ASP A 70 -0.56 1.80 -6.40
N TYR A 71 -1.88 1.72 -6.77
CA TYR A 71 -2.80 0.85 -6.11
C TYR A 71 -3.59 -0.05 -7.08
N GLY A 72 -3.69 -1.31 -6.69
CA GLY A 72 -4.66 -2.24 -7.27
C GLY A 72 -4.17 -2.97 -8.46
N ILE A 73 -5.14 -3.63 -9.13
CA ILE A 73 -4.82 -4.56 -10.20
C ILE A 73 -4.19 -3.85 -11.36
N LEU A 74 -4.52 -2.55 -11.54
CA LEU A 74 -3.94 -1.75 -12.60
C LEU A 74 -2.98 -0.67 -12.10
N GLN A 75 -2.58 -0.75 -10.84
CA GLN A 75 -1.53 0.10 -10.32
C GLN A 75 -1.73 1.60 -10.60
N ILE A 76 -2.90 2.10 -10.20
CA ILE A 76 -3.28 3.47 -10.46
C ILE A 76 -2.68 4.40 -9.39
N ASN A 77 -2.11 5.49 -9.89
CA ASN A 77 -1.29 6.40 -9.04
C ASN A 77 -2.10 7.40 -8.25
N SER A 78 -1.64 7.69 -7.04
CA SER A 78 -2.31 8.56 -6.06
C SER A 78 -2.18 10.07 -6.33
N ARG A 79 -1.28 10.47 -7.22
CA ARG A 79 -1.15 11.93 -7.44
C ARG A 79 -2.41 12.52 -8.09
N TRP A 80 -2.89 11.84 -9.13
CA TRP A 80 -3.98 12.41 -9.90
C TRP A 80 -5.32 11.72 -9.69
N TRP A 81 -5.32 10.44 -9.35
CA TRP A 81 -6.54 9.62 -9.59
C TRP A 81 -7.39 9.36 -8.35
N CYS A 82 -6.75 9.05 -7.25
CA CYS A 82 -7.41 8.63 -6.05
C CYS A 82 -6.76 9.33 -4.88
N ASN A 83 -7.46 9.43 -3.76
CA ASN A 83 -6.93 9.99 -2.55
C ASN A 83 -6.43 8.96 -1.56
N ASP A 84 -5.14 9.04 -1.21
CA ASP A 84 -4.54 8.18 -0.19
C ASP A 84 -4.16 8.91 1.12
N GLY A 85 -4.47 10.20 1.21
CA GLY A 85 -4.22 10.95 2.39
C GLY A 85 -2.82 11.41 2.66
N ARG A 86 -1.85 10.99 1.83
CA ARG A 86 -0.45 11.28 2.09
C ARG A 86 0.31 11.78 0.87
N THR A 87 -0.39 12.06 -0.23
CA THR A 87 0.25 12.48 -1.47
C THR A 87 0.00 13.96 -1.76
N PRO A 88 1.04 14.82 -1.62
CA PRO A 88 0.83 16.23 -1.83
C PRO A 88 0.28 16.55 -3.21
N GLY A 89 -0.55 17.56 -3.28
CA GLY A 89 -1.08 18.00 -4.58
C GLY A 89 -2.02 17.00 -5.24
N SER A 90 -2.72 16.21 -4.42
CA SER A 90 -3.63 15.18 -4.93
C SER A 90 -4.84 15.82 -5.65
N ARG A 91 -5.15 15.33 -6.86
CA ARG A 91 -6.27 15.82 -7.65
C ARG A 91 -7.53 14.98 -7.48
N ASN A 92 -7.36 13.72 -7.10
CA ASN A 92 -8.49 12.79 -6.92
C ASN A 92 -9.52 12.87 -8.06
N LEU A 93 -9.05 12.72 -9.28
CA LEU A 93 -9.92 12.90 -10.42
C LEU A 93 -10.96 11.76 -10.56
N CYS A 94 -10.70 10.59 -9.97
CA CYS A 94 -11.67 9.49 -9.95
C CYS A 94 -12.62 9.57 -8.76
N ASN A 95 -12.41 10.53 -7.85
CA ASN A 95 -13.31 10.75 -6.73
C ASN A 95 -13.49 9.48 -5.89
N ILE A 96 -12.35 8.92 -5.45
CA ILE A 96 -12.33 7.70 -4.71
C ILE A 96 -11.17 7.69 -3.74
N PRO A 97 -11.33 7.05 -2.57
CA PRO A 97 -10.11 6.72 -1.81
C PRO A 97 -9.33 5.63 -2.56
N CYS A 98 -7.99 5.70 -2.49
CA CYS A 98 -7.18 4.68 -3.12
C CYS A 98 -7.49 3.27 -2.63
N SER A 99 -7.97 3.13 -1.41
CA SER A 99 -8.36 1.81 -0.85
C SER A 99 -9.44 1.13 -1.69
N ALA A 100 -10.26 1.92 -2.33
CA ALA A 100 -11.34 1.33 -3.21
C ALA A 100 -10.73 0.50 -4.33
N LEU A 101 -9.50 0.87 -4.73
CA LEU A 101 -8.80 0.20 -5.80
C LEU A 101 -8.18 -1.13 -5.33
N LEU A 102 -8.26 -1.47 -4.03
CA LEU A 102 -7.77 -2.72 -3.52
C LEU A 102 -8.82 -3.79 -3.30
N SER A 103 -10.09 -3.40 -3.55
CA SER A 103 -11.18 -4.29 -3.33
C SER A 103 -11.15 -5.47 -4.24
N SER A 104 -11.75 -6.57 -3.77
CA SER A 104 -11.96 -7.75 -4.66
C SER A 104 -12.90 -7.43 -5.83
N ASP A 105 -13.76 -6.43 -5.64
CA ASP A 105 -14.72 -5.92 -6.67
C ASP A 105 -13.95 -4.91 -7.49
N ILE A 106 -13.78 -5.22 -8.76
CA ILE A 106 -12.95 -4.43 -9.65
C ILE A 106 -13.63 -3.13 -10.17
N THR A 107 -14.91 -2.89 -9.79
CA THR A 107 -15.66 -1.76 -10.28
C THR A 107 -14.83 -0.44 -10.21
N ALA A 108 -14.30 -0.14 -9.03
CA ALA A 108 -13.63 1.19 -8.87
C ALA A 108 -12.35 1.25 -9.78
N SER A 109 -11.60 0.16 -9.83
CA SER A 109 -10.43 0.15 -10.74
C SER A 109 -10.80 0.33 -12.18
N VAL A 110 -11.88 -0.37 -12.60
CA VAL A 110 -12.29 -0.26 -14.01
C VAL A 110 -12.78 1.17 -14.32
N ASN A 111 -13.60 1.74 -13.44
CA ASN A 111 -14.15 3.05 -13.69
C ASN A 111 -13.03 4.07 -13.78
N CYS A 112 -12.05 3.93 -12.87
CA CYS A 112 -10.92 4.88 -12.88
C CYS A 112 -10.04 4.66 -14.15
N ALA A 113 -9.75 3.44 -14.50
CA ALA A 113 -9.00 3.11 -15.72
C ALA A 113 -9.67 3.72 -16.95
N LYS A 114 -11.01 3.61 -17.02
CA LYS A 114 -11.75 4.20 -18.13
C LYS A 114 -11.53 5.68 -18.23
N LYS A 115 -11.50 6.38 -17.07
CA LYS A 115 -11.23 7.84 -17.07
C LYS A 115 -9.80 8.14 -17.56
N ILE A 116 -8.81 7.37 -17.13
CA ILE A 116 -7.46 7.55 -17.54
C ILE A 116 -7.31 7.42 -19.07
N VAL A 117 -7.92 6.37 -19.62
CA VAL A 117 -7.81 6.06 -21.06
C VAL A 117 -8.58 7.08 -21.93
N SER A 118 -9.75 7.51 -21.45
CA SER A 118 -10.57 8.48 -22.14
C SER A 118 -10.14 9.92 -22.08
N ASP A 119 -9.78 10.37 -20.89
CA ASP A 119 -9.49 11.78 -20.70
C ASP A 119 -8.07 12.13 -21.13
N GLY A 120 -7.18 11.17 -20.98
CA GLY A 120 -5.92 11.24 -21.64
C GLY A 120 -5.50 9.99 -22.33
N ASN A 121 -5.41 10.11 -23.63
CA ASN A 121 -4.28 9.57 -24.32
C ASN A 121 -4.01 8.01 -24.34
N GLY A 122 -5.00 7.30 -23.88
CA GLY A 122 -4.94 5.90 -24.02
C GLY A 122 -4.11 5.16 -23.00
N MET A 123 -3.83 3.91 -23.37
CA MET A 123 -3.21 2.97 -22.48
C MET A 123 -1.70 3.21 -22.30
N ASN A 124 -1.16 4.18 -23.04
CA ASN A 124 0.23 4.60 -22.81
C ASN A 124 0.45 5.06 -21.41
N ALA A 125 -0.56 5.34 -20.62
CA ALA A 125 -0.36 5.75 -19.24
C ALA A 125 0.29 4.65 -18.39
N TRP A 126 0.11 3.38 -18.78
CA TRP A 126 0.61 2.26 -17.99
C TRP A 126 1.96 1.80 -18.49
N VAL A 127 2.94 1.83 -17.59
CA VAL A 127 4.27 1.31 -17.91
C VAL A 127 4.24 -0.14 -18.39
N ALA A 128 3.48 -0.97 -17.71
CA ALA A 128 3.43 -2.36 -18.10
C ALA A 128 2.85 -2.52 -19.50
N TRP A 129 1.86 -1.73 -19.85
CA TRP A 129 1.27 -1.79 -21.13
C TRP A 129 2.30 -1.38 -22.20
N ARG A 130 2.95 -0.24 -21.99
CA ARG A 130 3.97 0.20 -22.94
C ARG A 130 5.04 -0.84 -23.16
N ASN A 131 5.52 -1.43 -22.06
CA ASN A 131 6.70 -2.32 -22.13
C ASN A 131 6.49 -3.77 -22.42
N ARG A 132 5.31 -4.29 -22.12
CA ARG A 132 5.04 -5.70 -22.23
C ARG A 132 3.84 -6.09 -23.08
N CYS A 133 2.99 -5.14 -23.38
CA CYS A 133 1.71 -5.45 -24.11
C CYS A 133 1.60 -4.82 -25.50
N LYS A 134 1.86 -3.53 -25.59
CA LYS A 134 1.84 -2.80 -26.86
C LYS A 134 2.68 -3.50 -27.95
N GLY A 135 2.05 -3.71 -29.09
CA GLY A 135 2.70 -4.35 -30.21
C GLY A 135 2.77 -5.85 -30.22
N THR A 136 2.17 -6.49 -29.22
CA THR A 136 2.20 -7.94 -29.05
C THR A 136 0.84 -8.49 -29.37
N ASP A 137 0.78 -9.81 -29.48
CA ASP A 137 -0.49 -10.51 -29.68
C ASP A 137 -1.34 -10.52 -28.38
N VAL A 138 -1.93 -9.39 -28.04
CA VAL A 138 -2.58 -9.25 -26.73
C VAL A 138 -3.81 -10.18 -26.62
N GLN A 139 -4.42 -10.52 -27.73
CA GLN A 139 -5.62 -11.37 -27.71
C GLN A 139 -5.28 -12.78 -27.12
N ALA A 140 -4.00 -13.16 -27.16
CA ALA A 140 -3.59 -14.44 -26.58
C ALA A 140 -3.97 -14.47 -25.11
N TRP A 141 -3.98 -13.29 -24.46
CA TRP A 141 -4.32 -13.28 -23.01
C TRP A 141 -5.80 -13.67 -22.74
N ILE A 142 -6.67 -13.61 -23.77
CA ILE A 142 -8.08 -14.01 -23.58
C ILE A 142 -8.49 -15.26 -24.36
N ARG A 143 -7.57 -15.82 -25.08
CA ARG A 143 -7.84 -17.06 -25.82
C ARG A 143 -8.06 -18.19 -24.82
N GLY A 144 -9.01 -19.09 -25.15
CA GLY A 144 -9.26 -20.24 -24.30
C GLY A 144 -10.20 -19.91 -23.15
N CYS A 145 -10.56 -18.64 -22.97
CA CYS A 145 -11.43 -18.24 -21.87
C CYS A 145 -12.90 -18.23 -22.33
N ARG A 146 -13.76 -18.56 -21.39
CA ARG A 146 -15.21 -18.57 -21.60
C ARG A 146 -15.71 -17.14 -21.40
N LEU A 147 -16.02 -16.46 -22.51
CA LEU A 147 -16.43 -15.07 -22.46
C LEU A 147 -17.77 -14.92 -23.12
N LYS B 19 -8.89 7.60 5.29
CA LYS B 19 -9.29 8.70 6.19
C LYS B 19 -8.10 9.09 7.07
N VAL B 20 -7.80 10.43 7.12
CA VAL B 20 -6.81 10.94 8.05
C VAL B 20 -7.60 11.48 9.25
N PHE B 21 -7.49 10.77 10.38
CA PHE B 21 -8.16 11.20 11.61
C PHE B 21 -7.46 12.40 12.21
N GLY B 22 -8.23 13.24 12.86
CA GLY B 22 -7.68 14.17 13.82
C GLY B 22 -7.30 13.42 15.10
N ARG B 23 -6.40 14.03 15.87
CA ARG B 23 -5.93 13.44 17.13
C ARG B 23 -7.05 13.10 18.09
N CYS B 24 -7.87 14.10 18.43
CA CYS B 24 -8.95 13.85 19.36
C CYS B 24 -10.09 12.99 18.79
N GLU B 25 -10.34 13.11 17.49
CA GLU B 25 -11.28 12.28 16.77
C GLU B 25 -10.87 10.80 16.89
N LEU B 26 -9.58 10.53 16.72
CA LEU B 26 -9.08 9.17 16.83
C LEU B 26 -9.14 8.68 18.27
N ALA B 27 -8.74 9.55 19.19
CA ALA B 27 -8.82 9.18 20.60
C ALA B 27 -10.24 8.72 20.94
N ALA B 28 -11.24 9.49 20.51
CA ALA B 28 -12.66 9.17 20.88
C ALA B 28 -13.06 7.85 20.25
N ALA B 29 -12.65 7.62 19.00
CA ALA B 29 -12.97 6.35 18.32
C ALA B 29 -12.31 5.17 18.97
N MET B 30 -11.02 5.30 19.29
CA MET B 30 -10.30 4.25 20.00
C MET B 30 -10.91 3.95 21.39
N LYS B 31 -11.41 4.97 22.10
CA LYS B 31 -12.05 4.77 23.40
C LYS B 31 -13.35 3.99 23.22
N ARG B 32 -14.16 4.38 22.24
CA ARG B 32 -15.39 3.66 21.96
C ARG B 32 -15.17 2.21 21.57
N HIS B 33 -14.04 1.94 20.93
CA HIS B 33 -13.65 0.59 20.55
C HIS B 33 -12.96 -0.20 21.65
N GLY B 34 -12.86 0.36 22.86
CA GLY B 34 -12.40 -0.40 24.02
C GLY B 34 -10.91 -0.51 24.20
N LEU B 35 -10.15 0.41 23.57
CA LEU B 35 -8.69 0.38 23.75
C LEU B 35 -8.18 0.99 25.04
N ASP B 36 -8.98 1.83 25.70
CA ASP B 36 -8.45 2.51 26.91
C ASP B 36 -8.21 1.41 28.00
N ASN B 37 -6.96 1.30 28.46
CA ASN B 37 -6.53 0.32 29.43
C ASN B 37 -6.60 -1.13 28.87
N TYR B 38 -6.66 -1.34 27.58
CA TYR B 38 -6.67 -2.68 26.96
C TYR B 38 -5.30 -3.31 27.23
N ARG B 39 -5.33 -4.42 27.95
CA ARG B 39 -4.11 -5.10 28.40
C ARG B 39 -3.18 -4.18 29.21
N GLY B 40 -3.82 -3.25 29.92
CA GLY B 40 -3.09 -2.30 30.78
C GLY B 40 -2.55 -1.05 30.09
N TYR B 41 -2.74 -0.92 28.79
CA TYR B 41 -2.29 0.25 28.02
C TYR B 41 -3.36 1.34 27.95
N SER B 42 -3.10 2.44 28.65
CA SER B 42 -3.96 3.61 28.57
C SER B 42 -4.07 4.20 27.21
N LEU B 43 -5.20 4.88 26.98
CA LEU B 43 -5.60 5.36 25.65
C LEU B 43 -4.48 6.11 24.90
N GLY B 44 -3.78 7.01 25.58
CA GLY B 44 -2.73 7.76 24.94
C GLY B 44 -1.65 6.91 24.25
N ASN B 45 -1.40 5.71 24.78
CA ASN B 45 -0.42 4.81 24.14
C ASN B 45 -0.83 4.49 22.69
N TRP B 46 -2.11 4.23 22.50
CA TRP B 46 -2.65 3.83 21.21
C TRP B 46 -2.66 4.99 20.22
N VAL B 47 -3.01 6.17 20.71
CA VAL B 47 -3.04 7.38 19.94
C VAL B 47 -1.62 7.72 19.48
N CYS B 48 -0.68 7.68 20.42
CA CYS B 48 0.71 8.00 20.18
C CYS B 48 1.25 6.99 19.13
N ALA B 49 0.96 5.70 19.30
CA ALA B 49 1.42 4.72 18.35
C ALA B 49 0.87 4.98 16.94
N ALA B 50 -0.41 5.30 16.82
CA ALA B 50 -1.01 5.61 15.53
C ALA B 50 -0.34 6.82 14.90
N LYS B 51 -0.09 7.84 15.69
CA LYS B 51 0.58 9.04 15.18
C LYS B 51 1.84 8.69 14.47
N PHE B 52 2.68 7.95 15.19
CA PHE B 52 4.02 7.66 14.66
C PHE B 52 4.11 6.51 13.67
N GLU B 53 3.11 5.64 13.67
CA GLU B 53 3.07 4.59 12.65
C GLU B 53 2.55 5.13 11.32
N SER B 54 1.46 5.85 11.36
CA SER B 54 0.70 6.18 10.14
C SER B 54 0.35 7.66 9.95
N ASN B 55 0.73 8.51 10.95
CA ASN B 55 0.28 9.89 10.92
C ASN B 55 -1.24 10.00 10.89
N PHE B 56 -1.88 9.05 11.54
CA PHE B 56 -3.34 9.01 11.71
C PHE B 56 -4.09 8.69 10.42
N ASN B 57 -3.38 8.14 9.43
CA ASN B 57 -3.93 7.87 8.11
C ASN B 57 -4.28 6.38 8.00
N THR B 58 -5.58 6.10 7.89
CA THR B 58 -6.00 4.72 7.72
C THR B 58 -5.47 4.07 6.45
N GLN B 59 -5.17 4.86 5.42
CA GLN B 59 -4.78 4.29 4.14
C GLN B 59 -3.30 4.07 3.97
N ALA B 60 -2.51 4.37 5.03
CA ALA B 60 -1.06 4.21 4.92
C ALA B 60 -0.65 2.78 4.68
N THR B 61 0.26 2.58 3.74
CA THR B 61 0.89 1.32 3.45
C THR B 61 2.40 1.48 3.27
N ASN B 62 3.15 0.50 3.75
CA ASN B 62 4.62 0.60 3.64
C ASN B 62 5.22 -0.79 3.52
N ARG B 63 5.90 -1.03 2.40
CA ARG B 63 6.61 -2.26 2.26
C ARG B 63 7.79 -2.42 3.28
N ASN B 64 7.95 -3.61 3.85
CA ASN B 64 9.12 -4.00 4.68
C ASN B 64 10.14 -4.56 3.72
N THR B 65 11.41 -4.40 4.07
CA THR B 65 12.46 -4.98 3.22
C THR B 65 12.38 -6.51 3.04
N ASP B 66 11.65 -7.20 3.93
CA ASP B 66 11.54 -8.64 3.82
C ASP B 66 10.38 -9.14 2.94
N GLY B 67 9.66 -8.22 2.29
CA GLY B 67 8.63 -8.68 1.36
C GLY B 67 7.22 -8.56 1.88
N SER B 68 7.12 -8.41 3.17
CA SER B 68 5.83 -8.10 3.78
C SER B 68 5.51 -6.63 3.59
N THR B 69 4.28 -6.23 3.94
CA THR B 69 3.80 -4.86 3.91
C THR B 69 3.04 -4.59 5.17
N ASP B 70 3.12 -3.32 5.64
CA ASP B 70 2.37 -2.85 6.77
C ASP B 70 1.16 -2.02 6.32
N TYR B 71 0.02 -2.16 7.00
CA TYR B 71 -1.23 -1.60 6.54
C TYR B 71 -1.97 -0.87 7.66
N GLY B 72 -2.48 0.32 7.31
CA GLY B 72 -3.44 1.01 8.12
C GLY B 72 -2.89 1.86 9.23
N ILE B 73 -3.81 2.32 10.05
CA ILE B 73 -3.49 3.34 11.09
C ILE B 73 -2.51 2.83 12.12
N LEU B 74 -2.44 1.52 12.32
CA LEU B 74 -1.48 0.90 13.17
C LEU B 74 -0.41 0.05 12.44
N GLN B 75 -0.34 0.16 11.11
CA GLN B 75 0.73 -0.45 10.33
C GLN B 75 0.95 -1.91 10.65
N ILE B 76 -0.13 -2.65 10.50
CA ILE B 76 -0.15 -4.07 10.82
C ILE B 76 0.41 -4.89 9.68
N ASN B 77 1.29 -5.81 10.00
CA ASN B 77 2.15 -6.52 9.04
C ASN B 77 1.50 -7.77 8.43
N SER B 78 1.74 -7.94 7.12
CA SER B 78 1.12 -8.98 6.31
C SER B 78 1.68 -10.37 6.50
N ARG B 79 2.78 -10.52 7.23
CA ARG B 79 3.33 -11.89 7.39
C ARG B 79 2.40 -12.69 8.27
N TRP B 80 1.98 -12.12 9.40
CA TRP B 80 1.22 -12.88 10.37
C TRP B 80 -0.25 -12.56 10.52
N TRP B 81 -0.67 -11.32 10.19
CA TRP B 81 -1.94 -10.85 10.69
C TRP B 81 -3.03 -10.80 9.64
N CYS B 82 -2.73 -10.41 8.42
CA CYS B 82 -3.71 -10.22 7.35
C CYS B 82 -3.15 -10.77 6.04
N ASN B 83 -4.01 -11.06 5.10
CA ASN B 83 -3.57 -11.56 3.81
C ASN B 83 -3.57 -10.48 2.71
N ASP B 84 -2.43 -10.27 2.06
CA ASP B 84 -2.34 -9.34 0.94
C ASP B 84 -2.06 -10.07 -0.40
N GLY B 85 -2.01 -11.39 -0.38
CA GLY B 85 -1.80 -12.14 -1.61
C GLY B 85 -0.41 -12.22 -2.19
N ARG B 86 0.51 -11.48 -1.57
CA ARG B 86 1.86 -11.43 -2.18
C ARG B 86 2.95 -11.65 -1.10
N THR B 87 2.60 -12.08 0.10
CA THR B 87 3.55 -12.31 1.21
C THR B 87 3.72 -13.80 1.43
N PRO B 88 4.93 -14.33 1.17
CA PRO B 88 5.17 -15.75 1.46
C PRO B 88 4.93 -16.13 2.92
N GLY B 89 4.37 -17.32 3.17
CA GLY B 89 4.25 -17.78 4.52
C GLY B 89 3.29 -17.03 5.39
N SER B 90 2.21 -16.53 4.79
CA SER B 90 1.18 -15.74 5.46
C SER B 90 0.34 -16.59 6.41
N ARG B 91 0.22 -16.18 7.64
CA ARG B 91 -0.55 -16.84 8.65
C ARG B 91 -1.97 -16.34 8.82
N ASN B 92 -2.20 -15.10 8.38
CA ASN B 92 -3.49 -14.47 8.44
C ASN B 92 -4.23 -14.70 9.78
N LEU B 93 -3.59 -14.38 10.90
CA LEU B 93 -4.15 -14.67 12.22
C LEU B 93 -5.40 -13.85 12.55
N CYS B 94 -5.55 -12.69 11.92
CA CYS B 94 -6.74 -11.85 12.11
C CYS B 94 -7.86 -12.22 11.13
N ASN B 95 -7.57 -13.12 10.21
CA ASN B 95 -8.53 -13.68 9.22
C ASN B 95 -9.24 -12.58 8.41
N ILE B 96 -8.42 -11.69 7.83
CA ILE B 96 -8.88 -10.56 7.07
C ILE B 96 -7.97 -10.28 5.88
N PRO B 97 -8.47 -9.72 4.78
CA PRO B 97 -7.60 -9.14 3.77
C PRO B 97 -6.97 -7.91 4.38
N CYS B 98 -5.70 -7.65 3.98
CA CYS B 98 -5.05 -6.45 4.49
C CYS B 98 -5.79 -5.17 4.13
N SER B 99 -6.55 -5.18 3.00
CA SER B 99 -7.32 -4.03 2.57
C SER B 99 -8.33 -3.60 3.66
N ALA B 100 -8.80 -4.55 4.47
CA ALA B 100 -9.72 -4.21 5.52
C ALA B 100 -9.14 -3.24 6.53
N LEU B 101 -7.82 -3.26 6.62
CA LEU B 101 -7.09 -2.38 7.57
C LEU B 101 -6.95 -0.97 7.04
N LEU B 102 -7.42 -0.70 5.81
CA LEU B 102 -7.35 0.64 5.19
C LEU B 102 -8.64 1.42 5.23
N SER B 103 -9.71 0.77 5.78
CA SER B 103 -10.98 1.40 5.83
C SER B 103 -11.02 2.64 6.67
N SER B 104 -11.97 3.52 6.39
CA SER B 104 -12.25 4.63 7.29
C SER B 104 -12.79 4.20 8.65
N ASP B 105 -13.40 3.03 8.67
CA ASP B 105 -13.92 2.43 9.90
C ASP B 105 -12.78 1.60 10.50
N ILE B 106 -12.34 1.99 11.70
CA ILE B 106 -11.20 1.38 12.35
C ILE B 106 -11.41 0.01 13.01
N THR B 107 -12.64 -0.49 12.92
CA THR B 107 -12.99 -1.75 13.56
C THR B 107 -12.00 -2.89 13.29
N ALA B 108 -11.69 -3.15 12.02
CA ALA B 108 -10.76 -4.25 11.69
C ALA B 108 -9.37 -4.02 12.28
N SER B 109 -8.85 -2.78 12.16
CA SER B 109 -7.56 -2.52 12.76
C SER B 109 -7.56 -2.70 14.28
N VAL B 110 -8.60 -2.23 14.95
CA VAL B 110 -8.65 -2.37 16.39
C VAL B 110 -8.72 -3.80 16.79
N ASN B 111 -9.57 -4.56 16.13
CA ASN B 111 -9.69 -5.96 16.51
C ASN B 111 -8.39 -6.76 16.28
N CYS B 112 -7.68 -6.42 15.18
CA CYS B 112 -6.44 -7.05 14.92
C CYS B 112 -5.35 -6.64 15.93
N ALA B 113 -5.32 -5.34 16.25
CA ALA B 113 -4.38 -4.84 17.29
C ALA B 113 -4.56 -5.52 18.66
N LYS B 114 -5.81 -5.78 19.00
CA LYS B 114 -6.11 -6.46 20.24
C LYS B 114 -5.52 -7.86 20.24
N LYS B 115 -5.57 -8.58 19.12
CA LYS B 115 -4.89 -9.88 19.03
C LYS B 115 -3.39 -9.84 19.14
N ILE B 116 -2.79 -8.81 18.53
CA ILE B 116 -1.36 -8.65 18.59
C ILE B 116 -0.87 -8.46 20.02
N VAL B 117 -1.59 -7.64 20.80
CA VAL B 117 -1.29 -7.33 22.21
C VAL B 117 -1.73 -8.46 23.17
N SER B 118 -2.82 -9.21 22.87
CA SER B 118 -3.32 -10.40 23.63
C SER B 118 -2.42 -11.54 23.10
N ASP B 119 -1.22 -11.59 23.73
CA ASP B 119 0.03 -12.28 23.32
C ASP B 119 0.84 -11.65 22.19
N ASN B 121 4.48 -10.33 23.84
CA ASN B 121 3.30 -9.51 24.31
C ASN B 121 3.46 -8.01 24.64
N GLY B 122 2.33 -7.36 24.52
CA GLY B 122 2.19 -5.91 24.52
C GLY B 122 2.47 -5.08 23.29
N MET B 123 2.54 -3.79 23.56
CA MET B 123 2.71 -2.81 22.53
C MET B 123 4.12 -2.74 22.00
N ASN B 124 5.01 -3.54 22.58
CA ASN B 124 6.36 -3.70 22.02
C ASN B 124 6.37 -4.22 20.58
N ALA B 125 5.25 -4.74 20.11
CA ALA B 125 5.16 -5.16 18.73
C ALA B 125 5.33 -4.00 17.72
N TRP B 126 4.96 -2.79 18.14
CA TRP B 126 5.03 -1.58 17.28
C TRP B 126 6.34 -0.82 17.43
N VAL B 127 7.08 -0.70 16.34
CA VAL B 127 8.34 0.05 16.37
C VAL B 127 8.11 1.51 16.81
N ALA B 128 7.04 2.14 16.35
CA ALA B 128 6.79 3.54 16.67
C ALA B 128 6.49 3.68 18.16
N TRP B 129 5.84 2.71 18.74
CA TRP B 129 5.55 2.74 20.15
C TRP B 129 6.88 2.60 20.96
N ARG B 130 7.72 1.64 20.59
CA ARG B 130 9.01 1.48 21.28
C ARG B 130 9.86 2.74 21.17
N ASN B 131 9.90 3.31 19.97
CA ASN B 131 10.80 4.40 19.67
C ASN B 131 10.34 5.80 20.09
N ARG B 132 9.03 6.00 20.13
CA ARG B 132 8.49 7.36 20.31
C ARG B 132 7.51 7.53 21.47
N CYS B 133 6.98 6.45 21.98
CA CYS B 133 5.89 6.52 22.93
C CYS B 133 6.26 5.98 24.33
N LYS B 134 6.88 4.81 24.37
CA LYS B 134 7.27 4.15 25.58
C LYS B 134 8.15 5.07 26.40
N GLY B 135 7.80 5.19 27.67
CA GLY B 135 8.55 6.05 28.61
C GLY B 135 8.23 7.53 28.60
N THR B 136 7.24 7.94 27.79
CA THR B 136 6.91 9.35 27.58
C THR B 136 5.55 9.60 28.22
N ASP B 137 5.21 10.87 28.31
CA ASP B 137 3.94 11.30 28.89
C ASP B 137 2.87 11.06 27.81
N VAL B 138 2.42 9.81 27.68
CA VAL B 138 1.50 9.45 26.54
C VAL B 138 0.11 10.05 26.77
N GLN B 139 -0.26 10.37 28.02
CA GLN B 139 -1.59 10.98 28.25
C GLN B 139 -1.70 12.37 27.59
N ALA B 140 -0.54 12.99 27.31
CA ALA B 140 -0.54 14.25 26.54
C ALA B 140 -1.27 14.13 25.20
N TRP B 141 -1.24 12.94 24.63
CA TRP B 141 -1.91 12.71 23.35
C TRP B 141 -3.43 12.78 23.43
N ILE B 142 -4.01 12.67 24.65
CA ILE B 142 -5.46 12.75 24.79
C ILE B 142 -5.98 14.00 25.55
N ARG B 143 -5.05 14.84 25.91
CA ARG B 143 -5.38 16.04 26.71
C ARG B 143 -6.05 17.07 25.78
N GLY B 144 -7.10 17.70 26.26
CA GLY B 144 -7.88 18.65 25.45
C GLY B 144 -9.01 18.01 24.66
N CYS B 145 -9.10 16.67 24.71
CA CYS B 145 -10.07 15.94 23.92
C CYS B 145 -11.34 15.69 24.73
N ARG B 146 -12.47 15.77 24.04
CA ARG B 146 -13.80 15.40 24.58
C ARG B 146 -13.98 13.87 24.48
N LEU B 147 -13.86 13.20 25.62
CA LEU B 147 -13.92 11.73 25.68
C LEU B 147 -15.00 11.30 26.66
N VAL C 13 22.74 -14.89 23.53
CA VAL C 13 22.50 -16.07 22.66
C VAL C 13 21.91 -15.75 21.27
N LYS C 14 22.41 -16.40 20.24
CA LYS C 14 21.85 -16.18 18.93
C LYS C 14 20.67 -17.11 18.61
N VAL C 15 19.66 -16.58 17.94
CA VAL C 15 18.61 -17.39 17.30
C VAL C 15 18.93 -17.50 15.80
N LYS C 16 19.23 -18.72 15.36
CA LYS C 16 19.58 -19.01 13.96
C LYS C 16 18.34 -19.48 13.24
N PHE C 17 17.99 -18.80 12.14
CA PHE C 17 16.77 -19.15 11.39
C PHE C 17 16.88 -18.69 9.97
N PHE C 18 16.07 -19.29 9.09
CA PHE C 18 16.03 -18.88 7.68
C PHE C 18 14.77 -18.03 7.39
N TRP C 19 14.95 -16.97 6.62
CA TRP C 19 13.91 -15.98 6.39
C TRP C 19 14.15 -15.34 5.05
N ASN C 20 13.16 -15.38 4.17
CA ASN C 20 13.47 -15.29 2.71
C ASN C 20 14.58 -16.28 2.22
N GLY C 21 14.48 -17.58 2.53
CA GLY C 21 15.50 -18.59 2.06
C GLY C 21 16.89 -18.46 2.68
N GLU C 22 17.19 -17.27 3.23
CA GLU C 22 18.55 -16.93 3.60
C GLU C 22 18.74 -16.96 5.09
N GLU C 23 19.94 -17.32 5.48
CA GLU C 23 20.25 -17.61 6.88
C GLU C 23 20.40 -16.32 7.71
N LYS C 24 19.59 -16.18 8.77
CA LYS C 24 19.65 -15.01 9.67
C LYS C 24 20.12 -15.47 11.08
N GLU C 25 20.76 -14.55 11.81
CA GLU C 25 21.08 -14.76 13.23
C GLU C 25 20.72 -13.55 14.04
N VAL C 26 19.88 -13.71 15.06
CA VAL C 26 19.53 -12.52 15.88
C VAL C 26 19.84 -12.79 17.33
N ASP C 27 20.40 -11.80 18.01
CA ASP C 27 20.62 -11.90 19.42
C ASP C 27 19.27 -11.86 20.13
N THR C 28 19.08 -12.75 21.10
CA THR C 28 17.90 -12.71 21.93
C THR C 28 17.74 -11.40 22.70
N SER C 29 18.84 -10.67 22.99
CA SER C 29 18.74 -9.38 23.68
C SER C 29 17.96 -8.32 22.85
N LYS C 30 17.78 -8.58 21.55
CA LYS C 30 17.09 -7.68 20.66
C LYS C 30 15.62 -8.07 20.49
N ILE C 31 15.23 -9.24 21.01
CA ILE C 31 13.83 -9.69 20.84
C ILE C 31 12.91 -8.91 21.81
N VAL C 32 11.81 -8.39 21.28
CA VAL C 32 10.92 -7.55 22.01
C VAL C 32 9.50 -8.09 22.15
N TRP C 33 9.20 -9.17 21.44
CA TRP C 33 7.84 -9.72 21.37
C TRP C 33 7.95 -11.13 20.89
N VAL C 34 7.19 -12.03 21.55
CA VAL C 34 7.24 -13.47 21.26
C VAL C 34 5.83 -14.06 21.33
N LYS C 35 5.56 -15.01 20.45
CA LYS C 35 4.22 -15.63 20.39
C LYS C 35 4.32 -17.04 19.89
N ARG C 36 3.54 -17.93 20.48
CA ARG C 36 3.46 -19.30 19.98
C ARG C 36 2.43 -19.36 18.82
N ALA C 37 2.81 -20.04 17.77
CA ALA C 37 1.91 -20.37 16.66
C ALA C 37 2.10 -21.82 16.27
N GLY C 38 1.19 -22.67 16.75
CA GLY C 38 1.33 -24.11 16.54
C GLY C 38 2.62 -24.64 17.16
N LYS C 39 3.44 -25.27 16.31
CA LYS C 39 4.73 -25.83 16.71
C LYS C 39 5.86 -24.83 16.52
N SER C 40 5.51 -23.57 16.17
CA SER C 40 6.49 -22.52 15.94
C SER C 40 6.43 -21.41 17.00
N VAL C 41 7.56 -20.72 17.16
CA VAL C 41 7.64 -19.52 18.01
C VAL C 41 7.95 -18.34 17.06
N LEU C 42 7.07 -17.36 17.06
CA LEU C 42 7.20 -16.16 16.29
C LEU C 42 7.88 -15.10 17.18
N PHE C 43 8.72 -14.27 16.57
CA PHE C 43 9.33 -13.22 17.33
C PHE C 43 9.57 -11.99 16.49
N ILE C 44 9.50 -10.85 17.15
CA ILE C 44 9.85 -9.58 16.59
C ILE C 44 11.10 -9.11 17.35
N TYR C 45 12.04 -8.57 16.61
CA TYR C 45 13.26 -8.02 17.18
C TYR C 45 13.49 -6.60 16.64
N ASP C 46 14.25 -5.87 17.43
CA ASP C 46 14.73 -4.56 17.09
C ASP C 46 15.90 -4.73 16.09
N ASP C 47 15.63 -4.33 14.87
CA ASP C 47 16.58 -4.35 13.76
C ASP C 47 17.11 -2.92 13.47
N ASN C 48 18.10 -2.45 14.25
CA ASN C 48 18.65 -1.10 14.09
C ASN C 48 17.50 -0.08 14.05
N GLY C 49 16.64 -0.16 15.07
CA GLY C 49 15.47 0.73 15.20
C GLY C 49 14.23 0.52 14.34
N LYS C 50 14.17 -0.57 13.57
CA LYS C 50 12.92 -1.03 12.82
C LYS C 50 12.52 -2.43 13.30
N ASN C 51 11.31 -2.91 12.95
CA ASN C 51 10.91 -4.28 13.27
C ASN C 51 11.54 -5.28 12.30
N GLY C 52 12.15 -6.29 12.89
CA GLY C 52 12.49 -7.48 12.15
C GLY C 52 11.60 -8.62 12.63
N TYR C 53 11.36 -9.58 11.74
CA TYR C 53 10.47 -10.73 12.00
C TYR C 53 11.22 -12.04 11.87
N GLY C 54 10.84 -13.00 12.66
CA GLY C 54 11.36 -14.38 12.44
C GLY C 54 10.45 -15.41 13.06
N ASP C 55 10.80 -16.65 12.83
CA ASP C 55 10.18 -17.77 13.48
C ASP C 55 11.12 -18.96 13.50
N VAL C 56 10.95 -19.79 14.50
CA VAL C 56 11.68 -21.03 14.65
C VAL C 56 10.76 -22.07 15.26
N THR C 57 10.97 -23.35 14.98
CA THR C 57 10.18 -24.37 15.64
C THR C 57 10.49 -24.36 17.15
N GLU C 58 9.51 -24.71 17.96
CA GLU C 58 9.75 -24.86 19.44
C GLU C 58 10.88 -25.88 19.71
N LYS C 59 10.95 -26.99 18.94
CA LYS C 59 12.06 -27.95 19.12
C LYS C 59 13.48 -27.40 18.74
N ASP C 60 13.58 -26.45 17.83
CA ASP C 60 14.87 -25.87 17.47
C ASP C 60 15.22 -24.64 18.30
N ALA C 61 14.24 -24.11 19.02
CA ALA C 61 14.41 -22.82 19.70
C ALA C 61 15.44 -22.87 20.80
N PRO C 62 16.36 -21.88 20.81
CA PRO C 62 17.22 -21.83 21.99
C PRO C 62 16.41 -21.68 23.26
N LYS C 63 16.93 -22.23 24.33
CA LYS C 63 16.17 -22.22 25.59
C LYS C 63 15.93 -20.79 26.09
N GLU C 64 16.84 -19.88 25.77
CA GLU C 64 16.67 -18.49 26.13
C GLU C 64 15.41 -17.88 25.48
N LEU C 65 15.13 -18.29 24.26
CA LEU C 65 13.91 -17.85 23.60
C LEU C 65 12.71 -18.54 24.20
N LEU C 66 12.81 -19.83 24.49
CA LEU C 66 11.72 -20.49 25.19
C LEU C 66 11.44 -19.83 26.55
N ASP C 67 12.46 -19.38 27.24
CA ASP C 67 12.29 -18.68 28.48
C ASP C 67 11.44 -17.42 28.29
N MET C 68 11.70 -16.70 27.22
CA MET C 68 10.96 -15.47 26.92
C MET C 68 9.48 -15.80 26.68
N LEU C 69 9.24 -16.88 25.96
CA LEU C 69 7.89 -17.28 25.68
C LEU C 69 7.21 -17.72 26.96
N ALA C 70 7.94 -18.43 27.85
CA ALA C 70 7.34 -18.85 29.07
C ALA C 70 6.95 -17.68 29.92
N ARG C 71 7.78 -16.65 29.99
CA ARG C 71 7.46 -15.44 30.74
C ARG C 71 6.24 -14.73 30.17
N ALA C 72 6.15 -14.68 28.84
CA ALA C 72 5.00 -14.07 28.20
C ALA C 72 3.70 -14.84 28.48
N GLU C 73 3.80 -16.14 28.57
CA GLU C 73 2.64 -17.00 28.73
C GLU C 73 2.19 -17.11 30.19
N ARG C 74 2.90 -16.39 31.04
CA ARG C 74 2.51 -15.95 32.36
C ARG C 74 3.06 -16.99 33.29
N VAL D 13 12.95 19.41 -26.97
CA VAL D 13 12.65 20.53 -25.99
C VAL D 13 12.48 20.09 -24.54
N LYS D 14 13.05 20.85 -23.61
CA LYS D 14 12.87 20.55 -22.19
C LYS D 14 11.60 21.15 -21.64
N VAL D 15 10.95 20.40 -20.79
CA VAL D 15 9.83 20.93 -20.01
C VAL D 15 10.35 21.16 -18.59
N LYS D 16 10.39 22.41 -18.18
CA LYS D 16 10.87 22.75 -16.88
C LYS D 16 9.70 22.82 -15.89
N PHE D 17 9.82 22.15 -14.74
CA PHE D 17 8.75 22.14 -13.76
C PHE D 17 9.28 21.79 -12.37
N PHE D 18 8.44 22.04 -11.38
CA PHE D 18 8.71 21.76 -9.98
C PHE D 18 7.94 20.55 -9.51
N TRP D 19 8.57 19.65 -8.78
CA TRP D 19 7.90 18.37 -8.38
C TRP D 19 8.53 17.82 -7.15
N ASN D 20 7.70 17.37 -6.21
CA ASN D 20 8.13 16.75 -4.93
C ASN D 20 9.29 17.52 -4.37
N GLY D 21 9.12 18.86 -4.39
CA GLY D 21 10.07 19.74 -3.70
C GLY D 21 11.30 20.19 -4.49
N GLU D 22 11.40 19.82 -5.76
CA GLU D 22 12.61 20.10 -6.54
C GLU D 22 12.39 20.57 -7.95
N GLU D 23 13.32 21.32 -8.50
CA GLU D 23 13.32 21.69 -9.92
C GLU D 23 13.69 20.49 -10.81
N LYS D 24 12.78 20.14 -11.76
CA LYS D 24 13.00 19.03 -12.72
C LYS D 24 13.00 19.58 -14.18
N GLU D 25 13.67 18.86 -15.07
CA GLU D 25 13.58 19.10 -16.51
C GLU D 25 13.36 17.76 -17.21
N VAL D 26 12.37 17.67 -18.10
CA VAL D 26 12.22 16.44 -18.84
C VAL D 26 12.09 16.74 -20.33
N ASP D 27 12.75 15.95 -21.15
CA ASP D 27 12.63 16.08 -22.61
C ASP D 27 11.25 15.66 -23.07
N THR D 28 10.64 16.48 -23.92
CA THR D 28 9.36 16.13 -24.51
C THR D 28 9.38 14.81 -25.26
N SER D 29 10.55 14.42 -25.75
CA SER D 29 10.68 13.17 -26.49
C SER D 29 10.37 11.95 -25.59
N LYS D 30 10.44 12.15 -24.27
CA LYS D 30 10.20 11.07 -23.28
C LYS D 30 8.78 11.07 -22.79
N ILE D 31 8.00 12.07 -23.19
CA ILE D 31 6.62 12.12 -22.74
C ILE D 31 5.76 11.16 -23.53
N VAL D 32 4.96 10.35 -22.80
CA VAL D 32 4.19 9.28 -23.44
C VAL D 32 2.70 9.44 -23.30
N TRP D 33 2.26 10.39 -22.49
CA TRP D 33 0.85 10.57 -22.18
C TRP D 33 0.65 12.02 -21.65
N VAL D 34 -0.40 12.69 -22.12
CA VAL D 34 -0.71 14.07 -21.76
C VAL D 34 -2.20 14.26 -21.55
N LYS D 35 -2.55 15.17 -20.63
CA LYS D 35 -3.93 15.45 -20.28
C LYS D 35 -4.05 16.90 -19.78
N ARG D 36 -5.09 17.58 -20.21
CA ARG D 36 -5.40 18.88 -19.67
C ARG D 36 -6.21 18.73 -18.41
N ALA D 37 -5.84 19.49 -17.38
CA ALA D 37 -6.59 19.55 -16.16
C ALA D 37 -6.73 21.01 -15.81
N GLY D 38 -7.85 21.59 -16.21
CA GLY D 38 -8.08 23.01 -16.00
C GLY D 38 -7.07 23.80 -16.79
N LYS D 39 -6.35 24.65 -16.09
CA LYS D 39 -5.28 25.44 -16.67
C LYS D 39 -3.92 24.77 -16.56
N SER D 40 -3.87 23.50 -16.15
CA SER D 40 -2.59 22.75 -16.09
C SER D 40 -2.51 21.69 -17.18
N VAL D 41 -1.30 21.29 -17.51
CA VAL D 41 -1.02 20.16 -18.42
C VAL D 41 -0.33 19.11 -17.58
N LEU D 42 -0.96 17.94 -17.49
CA LEU D 42 -0.42 16.82 -16.81
C LEU D 42 0.32 15.91 -17.81
N PHE D 43 1.46 15.33 -17.43
CA PHE D 43 2.17 14.48 -18.34
C PHE D 43 2.89 13.33 -17.63
N ILE D 44 2.99 12.21 -18.33
CA ILE D 44 3.71 11.04 -17.85
C ILE D 44 4.84 10.87 -18.85
N TYR D 45 6.02 10.67 -18.28
CA TYR D 45 7.17 10.42 -19.10
C TYR D 45 7.80 9.05 -18.75
N ASP D 46 8.50 8.49 -19.70
CA ASP D 46 9.24 7.29 -19.45
C ASP D 46 10.53 7.58 -18.69
N ASP D 47 10.60 7.01 -17.49
CA ASP D 47 11.71 7.18 -16.58
C ASP D 47 12.36 5.82 -16.36
N ASN D 48 13.00 5.27 -17.38
CA ASN D 48 13.70 3.99 -17.25
C ASN D 48 12.85 2.82 -16.73
N GLY D 49 11.78 2.48 -17.46
CA GLY D 49 10.88 1.38 -17.10
C GLY D 49 9.95 1.62 -15.92
N LYS D 50 9.87 2.88 -15.50
CA LYS D 50 8.81 3.33 -14.64
C LYS D 50 8.20 4.63 -15.22
N ASN D 51 7.01 4.95 -14.75
CA ASN D 51 6.46 6.24 -15.01
C ASN D 51 7.13 7.35 -14.15
N GLY D 52 7.38 8.46 -14.80
CA GLY D 52 7.56 9.69 -14.10
C GLY D 52 6.37 10.63 -14.35
N TYR D 53 6.09 11.47 -13.39
CA TYR D 53 4.93 12.34 -13.39
C TYR D 53 5.35 13.81 -13.31
N GLY D 54 4.62 14.65 -14.03
CA GLY D 54 4.81 16.07 -13.91
C GLY D 54 3.59 16.85 -14.33
N ASP D 55 3.61 18.14 -14.01
CA ASP D 55 2.59 19.06 -14.42
C ASP D 55 3.19 20.44 -14.60
N VAL D 56 2.62 21.21 -15.52
CA VAL D 56 3.02 22.62 -15.73
C VAL D 56 1.77 23.39 -16.04
N THR D 57 1.70 24.65 -15.62
CA THR D 57 0.59 25.50 -16.05
C THR D 57 0.67 25.70 -17.55
N GLU D 58 -0.47 25.85 -18.21
CA GLU D 58 -0.48 26.00 -19.69
C GLU D 58 0.36 27.22 -20.08
N LYS D 59 0.36 28.30 -19.29
CA LYS D 59 1.18 29.48 -19.68
C LYS D 59 2.72 29.28 -19.52
N ASP D 60 3.13 28.27 -18.77
CA ASP D 60 4.57 27.93 -18.63
C ASP D 60 5.01 26.81 -19.56
N ALA D 61 4.05 26.20 -20.24
CA ALA D 61 4.35 25.08 -21.13
C ALA D 61 5.00 25.52 -22.43
N PRO D 62 6.08 24.82 -22.83
CA PRO D 62 6.70 25.13 -24.13
C PRO D 62 5.72 24.76 -25.25
N LYS D 63 5.85 25.43 -26.40
CA LYS D 63 4.89 25.21 -27.53
C LYS D 63 4.83 23.76 -27.91
N GLU D 64 5.94 23.07 -27.84
CA GLU D 64 5.96 21.67 -28.26
C GLU D 64 5.06 20.81 -27.41
N LEU D 65 5.03 21.10 -26.09
CA LEU D 65 4.12 20.36 -25.18
C LEU D 65 2.70 20.71 -25.46
N LEU D 66 2.39 21.98 -25.69
CA LEU D 66 1.05 22.39 -26.04
C LEU D 66 0.61 21.77 -27.38
N ASP D 67 1.52 21.62 -28.33
CA ASP D 67 1.17 20.99 -29.63
C ASP D 67 0.89 19.49 -29.42
N MET D 68 1.68 18.84 -28.56
CA MET D 68 1.44 17.41 -28.20
C MET D 68 0.06 17.26 -27.60
N LEU D 69 -0.31 18.16 -26.70
CA LEU D 69 -1.64 18.09 -26.05
C LEU D 69 -2.72 18.30 -27.05
N ALA D 70 -2.54 19.26 -27.95
CA ALA D 70 -3.60 19.50 -28.92
C ALA D 70 -3.75 18.31 -29.85
N ARG D 71 -2.64 17.68 -30.23
CA ARG D 71 -2.73 16.52 -31.12
C ARG D 71 -3.37 15.30 -30.41
N ALA D 72 -3.05 15.11 -29.12
CA ALA D 72 -3.69 14.05 -28.32
C ALA D 72 -5.18 14.26 -28.22
N GLU D 73 -5.61 15.51 -28.12
CA GLU D 73 -7.03 15.78 -27.93
C GLU D 73 -7.83 15.52 -29.25
N ARG D 74 -7.34 15.98 -30.33
CA ARG D 74 -8.17 16.08 -31.59
C ARG D 74 -7.59 15.22 -32.68
#